data_3GFD
#
_entry.id   3GFD
#
_cell.length_a   105.187
_cell.length_b   105.187
_cell.length_c   162.124
_cell.angle_alpha   90.000
_cell.angle_beta   90.000
_cell.angle_gamma   120.000
#
_symmetry.space_group_name_H-M   'P 32 2 1'
#
loop_
_entity.id
_entity.type
_entity.pdbx_description
1 polymer 'Iodotyrosine dehalogenase 1'
2 non-polymer 'FLAVIN MONONUCLEOTIDE'
3 non-polymer 3-IODO-TYROSINE
4 non-polymer GLYCEROL
5 water water
#
_entity_poly.entity_id   1
_entity_poly.type   'polypeptide(L)'
_entity_poly.pdbx_seq_one_letter_code
;MAQVQPWVDEDLKDSTEDLQVEEDAEEWQEAEESVEHIPFSHTRYPEQEMRMRSQEFYELLNKRRSVRFISSEHVPMEVI
ENVIKAAGTAPSGAHTEPWTFVVVKDPDMKHKIREIIEEEEEINYMKRMGKRWVTDLKKLRTNWIKEYLDTAPVLILIFK
QVHGFAANGKKKVHYYNEISVSIACGLLLAALQNAGLVTVTTTPLNCGPRLRVLLGRPSHEKLLVLLPVGYPSRDATVPD
LKRKALDQIMVTVHHHHHH
;
_entity_poly.pdbx_strand_id   A,B
#
loop_
_chem_comp.id
_chem_comp.type
_chem_comp.name
_chem_comp.formula
FMN non-polymer 'FLAVIN MONONUCLEOTIDE' 'C17 H21 N4 O9 P'
GOL non-polymer GLYCEROL 'C3 H8 O3'
#
# COMPACT_ATOMS: atom_id res chain seq x y z
N SER A 34 0.91 -14.56 23.47
CA SER A 34 -0.53 -14.96 23.51
C SER A 34 -1.24 -14.40 24.78
N VAL A 35 -2.18 -13.46 24.64
CA VAL A 35 -3.06 -13.18 23.45
C VAL A 35 -4.10 -14.30 23.17
N GLU A 36 -5.33 -14.05 23.61
CA GLU A 36 -6.44 -14.96 23.34
C GLU A 36 -6.99 -14.72 21.93
N HIS A 37 -7.75 -15.68 21.41
CA HIS A 37 -8.21 -15.60 20.03
C HIS A 37 -9.70 -15.48 20.06
N ILE A 38 -10.30 -14.63 19.24
CA ILE A 38 -11.72 -14.36 19.43
C ILE A 38 -12.43 -14.62 18.12
N PRO A 39 -13.74 -14.87 18.17
CA PRO A 39 -14.48 -15.10 16.92
C PRO A 39 -14.39 -13.90 15.97
N PHE A 40 -14.40 -14.14 14.65
CA PHE A 40 -14.35 -13.03 13.75
C PHE A 40 -15.68 -12.83 13.09
N SER A 41 -16.09 -11.60 12.98
CA SER A 41 -17.23 -11.35 12.12
C SER A 41 -17.09 -10.16 11.23
N HIS A 42 -18.08 -10.07 10.35
CA HIS A 42 -17.89 -9.65 9.01
C HIS A 42 -19.18 -9.05 8.54
N THR A 43 -19.15 -7.98 7.77
CA THR A 43 -20.36 -7.55 7.11
C THR A 43 -20.31 -8.17 5.71
N ARG A 44 -21.36 -8.91 5.36
CA ARG A 44 -21.43 -9.48 4.03
C ARG A 44 -22.47 -8.69 3.18
N TYR A 45 -22.18 -8.41 1.92
CA TYR A 45 -23.19 -7.79 1.08
C TYR A 45 -23.65 -8.83 0.06
N PRO A 46 -24.88 -8.71 -0.47
CA PRO A 46 -25.22 -9.59 -1.61
C PRO A 46 -24.31 -9.39 -2.80
N GLU A 47 -24.21 -10.40 -3.64
CA GLU A 47 -23.29 -10.36 -4.77
C GLU A 47 -23.48 -9.12 -5.64
N GLN A 48 -24.72 -8.79 -5.93
CA GLN A 48 -24.98 -7.63 -6.75
C GLN A 48 -24.45 -6.30 -6.08
N GLU A 49 -24.58 -6.17 -4.76
CA GLU A 49 -24.04 -5.04 -4.05
C GLU A 49 -22.50 -5.10 -3.98
N MET A 50 -21.97 -6.32 -3.87
CA MET A 50 -20.51 -6.47 -3.94
C MET A 50 -19.97 -5.96 -5.27
N ARG A 51 -20.63 -6.28 -6.39
CA ARG A 51 -20.26 -5.74 -7.69
C ARG A 51 -20.32 -4.23 -7.72
N MET A 52 -21.40 -3.69 -7.24
CA MET A 52 -21.61 -2.29 -7.28
C MET A 52 -20.61 -1.57 -6.44
N ARG A 53 -20.42 -2.02 -5.19
CA ARG A 53 -19.51 -1.34 -4.28
C ARG A 53 -18.10 -1.36 -4.86
N SER A 54 -17.69 -2.49 -5.43
CA SER A 54 -16.32 -2.61 -5.90
C SER A 54 -16.11 -1.85 -7.22
N GLN A 55 -17.16 -1.79 -8.05
CA GLN A 55 -17.19 -0.96 -9.25
C GLN A 55 -17.02 0.50 -8.85
N GLU A 56 -17.77 0.94 -7.84
CA GLU A 56 -17.76 2.33 -7.44
C GLU A 56 -16.44 2.73 -6.84
N PHE A 57 -15.86 1.81 -6.07
CA PHE A 57 -14.64 2.08 -5.38
C PHE A 57 -13.49 2.17 -6.40
N TYR A 58 -13.57 1.35 -7.43
CA TYR A 58 -12.58 1.39 -8.47
C TYR A 58 -12.68 2.77 -9.18
N GLU A 59 -13.88 3.21 -9.53
CA GLU A 59 -14.05 4.51 -10.18
C GLU A 59 -13.57 5.66 -9.31
N LEU A 60 -13.81 5.58 -8.01
CA LEU A 60 -13.34 6.59 -7.11
C LEU A 60 -11.82 6.64 -7.13
N LEU A 61 -11.19 5.48 -7.02
CA LEU A 61 -9.74 5.42 -7.01
C LEU A 61 -9.10 5.77 -8.34
N ASN A 62 -9.81 5.51 -9.42
CA ASN A 62 -9.24 5.72 -10.71
C ASN A 62 -9.17 7.21 -10.97
N LYS A 63 -9.94 8.00 -10.22
CA LYS A 63 -9.87 9.46 -10.35
C LYS A 63 -8.70 10.07 -9.59
N ARG A 64 -8.05 9.31 -8.72
CA ARG A 64 -6.83 9.80 -8.06
C ARG A 64 -5.76 10.02 -9.11
N ARG A 65 -5.16 11.20 -9.09
CA ARG A 65 -3.93 11.46 -9.85
C ARG A 65 -2.92 12.13 -8.91
N SER A 66 -1.64 11.89 -9.16
CA SER A 66 -0.63 12.64 -8.44
C SER A 66 -0.70 14.11 -8.90
N VAL A 67 -0.97 15.02 -7.98
CA VAL A 67 -1.15 16.43 -8.29
C VAL A 67 0.02 17.20 -7.66
N ARG A 68 0.73 17.97 -8.49
CA ARG A 68 1.93 18.64 -8.06
C ARG A 68 1.78 20.17 -7.85
N PHE A 69 0.53 20.64 -7.82
CA PHE A 69 0.18 22.04 -7.70
C PHE A 69 -0.95 22.10 -6.67
N ILE A 70 -0.58 22.38 -5.42
CA ILE A 70 -1.53 22.36 -4.32
C ILE A 70 -1.87 23.80 -3.94
N SER A 71 -3.17 24.04 -3.78
CA SER A 71 -3.71 25.27 -3.21
C SER A 71 -3.24 25.49 -1.76
N SER A 72 -3.15 26.75 -1.37
CA SER A 72 -2.77 27.07 0.00
C SER A 72 -3.98 27.06 0.92
N GLU A 73 -5.16 26.79 0.41
CA GLU A 73 -6.33 26.80 1.27
C GLU A 73 -6.21 25.77 2.41
N HIS A 74 -6.56 26.18 3.62
CA HIS A 74 -6.56 25.28 4.79
C HIS A 74 -7.53 24.12 4.57
N VAL A 75 -7.19 22.99 5.17
CA VAL A 75 -8.02 21.82 5.15
C VAL A 75 -8.39 21.44 6.62
N PRO A 76 -9.53 20.76 6.84
CA PRO A 76 -9.95 20.45 8.24
C PRO A 76 -8.96 19.45 8.87
N MET A 77 -8.41 19.77 10.05
CA MET A 77 -7.48 18.86 10.72
C MET A 77 -8.08 17.49 11.01
N GLU A 78 -9.40 17.47 11.23
CA GLU A 78 -10.12 16.26 11.54
C GLU A 78 -10.00 15.25 10.39
N VAL A 79 -10.02 15.76 9.17
CA VAL A 79 -9.84 14.91 7.98
C VAL A 79 -8.42 14.35 7.94
N ILE A 80 -7.44 15.20 8.27
CA ILE A 80 -6.06 14.77 8.28
C ILE A 80 -5.89 13.60 9.24
N GLU A 81 -6.43 13.77 10.44
CA GLU A 81 -6.43 12.72 11.43
C GLU A 81 -7.10 11.43 10.94
N ASN A 82 -8.27 11.55 10.31
CA ASN A 82 -8.99 10.35 9.88
C ASN A 82 -8.23 9.57 8.79
N VAL A 83 -7.49 10.31 7.95
CA VAL A 83 -6.79 9.61 6.89
C VAL A 83 -5.60 8.89 7.52
N ILE A 84 -4.98 9.49 8.53
CA ILE A 84 -3.83 8.87 9.17
C ILE A 84 -4.33 7.67 10.00
N LYS A 85 -5.44 7.82 10.69
CA LYS A 85 -6.02 6.68 11.38
C LYS A 85 -6.35 5.56 10.42
N ALA A 86 -6.85 5.91 9.23
CA ALA A 86 -7.17 4.92 8.22
C ALA A 86 -5.87 4.20 7.87
N ALA A 87 -4.80 4.97 7.63
CA ALA A 87 -3.52 4.36 7.28
C ALA A 87 -3.09 3.37 8.40
N GLY A 88 -3.37 3.71 9.67
CA GLY A 88 -2.95 2.90 10.79
C GLY A 88 -3.69 1.58 10.94
N THR A 89 -4.72 1.33 10.12
CA THR A 89 -5.46 0.06 10.18
C THR A 89 -4.78 -1.03 9.31
N ALA A 90 -3.68 -0.69 8.64
CA ALA A 90 -3.01 -1.59 7.72
C ALA A 90 -2.47 -2.83 8.43
N PRO A 91 -2.36 -3.95 7.70
CA PRO A 91 -1.70 -5.09 8.34
C PRO A 91 -0.20 -4.73 8.50
N SER A 92 0.54 -5.42 9.37
CA SER A 92 1.98 -5.27 9.42
C SER A 92 2.62 -6.58 9.86
N GLY A 93 3.85 -6.82 9.44
CA GLY A 93 4.55 -8.07 9.72
C GLY A 93 4.57 -8.24 11.23
N ALA A 94 4.04 -9.36 11.68
CA ALA A 94 3.99 -9.71 13.10
C ALA A 94 3.34 -8.65 14.03
N HIS A 95 2.40 -7.91 13.47
CA HIS A 95 1.72 -6.85 14.25
C HIS A 95 2.74 -5.89 14.92
N THR A 96 3.60 -5.31 14.11
CA THR A 96 4.56 -4.36 14.58
C THR A 96 4.17 -2.89 14.40
N GLU A 97 3.24 -2.60 13.49
CA GLU A 97 2.77 -1.22 13.30
C GLU A 97 3.95 -0.23 13.21
N PRO A 98 4.90 -0.51 12.32
CA PRO A 98 6.18 0.18 12.36
C PRO A 98 6.15 1.54 11.59
N TRP A 99 5.11 2.35 11.80
CA TRP A 99 5.00 3.58 11.03
C TRP A 99 4.83 4.79 11.95
N THR A 100 5.39 5.91 11.52
CA THR A 100 5.21 7.19 12.16
C THR A 100 4.81 8.16 11.07
N PHE A 101 3.69 8.87 11.26
CA PHE A 101 3.22 9.85 10.29
C PHE A 101 3.48 11.15 10.93
N VAL A 102 4.40 11.88 10.33
CA VAL A 102 4.72 13.17 10.83
C VAL A 102 4.20 14.32 10.00
N VAL A 103 3.58 15.33 10.57
CA VAL A 103 2.45 16.04 10.01
C VAL A 103 3.06 17.46 10.23
N VAL A 104 3.45 18.15 9.18
CA VAL A 104 4.07 19.48 9.37
C VAL A 104 3.12 20.54 8.81
N LYS A 105 2.78 21.55 9.62
CA LYS A 105 1.96 22.69 9.19
C LYS A 105 2.67 24.03 9.35
N ASP A 106 3.67 24.12 10.22
CA ASP A 106 4.41 25.32 10.48
C ASP A 106 5.14 25.88 9.22
N PRO A 107 4.82 27.13 8.83
CA PRO A 107 5.48 27.72 7.68
C PRO A 107 6.99 27.67 7.71
N ASP A 108 7.63 27.96 8.86
CA ASP A 108 9.12 27.91 8.90
C ASP A 108 9.67 26.52 8.72
N MET A 109 9.04 25.54 9.35
CA MET A 109 9.48 24.18 9.19
C MET A 109 9.25 23.67 7.74
N LYS A 110 8.10 24.01 7.14
CA LYS A 110 7.83 23.59 5.77
C LYS A 110 8.92 24.17 4.84
N HIS A 111 9.32 25.40 5.12
CA HIS A 111 10.28 26.04 4.30
C HIS A 111 11.65 25.44 4.42
N LYS A 112 12.00 25.02 5.61
CA LYS A 112 13.19 24.26 5.83
C LYS A 112 13.23 22.94 5.15
N ILE A 113 12.14 22.20 5.23
CA ILE A 113 11.95 21.05 4.40
C ILE A 113 12.18 21.38 2.93
N ARG A 114 11.66 22.48 2.46
CA ARG A 114 11.78 22.85 1.08
C ARG A 114 13.17 23.14 0.65
N GLU A 115 13.91 23.84 1.49
CA GLU A 115 15.33 24.11 1.24
C GLU A 115 16.18 22.87 1.07
N ILE A 116 15.99 21.87 1.93
CA ILE A 116 16.72 20.64 1.87
C ILE A 116 16.35 19.91 0.61
N ILE A 117 15.06 19.73 0.36
CA ILE A 117 14.66 18.95 -0.80
C ILE A 117 15.11 19.60 -2.14
N GLU A 118 14.98 20.91 -2.28
CA GLU A 118 15.38 21.52 -3.56
C GLU A 118 16.88 21.43 -3.81
N GLU A 119 17.66 21.58 -2.77
CA GLU A 119 19.11 21.58 -2.90
C GLU A 119 19.57 20.19 -3.28
N GLU A 120 18.94 19.21 -2.69
CA GLU A 120 19.29 17.85 -2.88
C GLU A 120 18.71 17.36 -4.25
N GLU A 121 17.51 17.79 -4.62
CA GLU A 121 16.95 17.35 -5.91
C GLU A 121 17.72 17.92 -7.07
N GLU A 122 18.26 19.13 -6.89
CA GLU A 122 18.98 19.80 -7.93
C GLU A 122 20.22 18.98 -8.32
N ILE A 123 20.94 18.49 -7.33
CA ILE A 123 22.04 17.61 -7.58
C ILE A 123 21.52 16.29 -8.17
N ASN A 124 20.35 15.83 -7.70
CA ASN A 124 19.76 14.59 -8.22
C ASN A 124 19.51 14.68 -9.73
N TYR A 125 18.95 15.82 -10.15
CA TYR A 125 18.67 16.08 -11.56
C TYR A 125 19.94 16.31 -12.39
N MET A 126 20.90 17.07 -11.88
CA MET A 126 22.04 17.24 -12.72
C MET A 126 23.02 16.09 -12.70
N LYS A 127 23.10 15.32 -11.63
CA LYS A 127 24.08 14.25 -11.57
C LYS A 127 23.66 12.91 -10.96
N ARG A 128 22.93 12.90 -9.84
CA ARG A 128 22.81 11.63 -9.10
C ARG A 128 21.83 10.62 -9.66
N MET A 129 20.71 11.02 -10.23
CA MET A 129 19.82 10.05 -10.84
C MET A 129 20.42 9.36 -12.10
N GLY A 130 21.24 10.09 -12.88
CA GLY A 130 21.73 9.58 -14.18
C GLY A 130 20.82 9.95 -15.36
N LYS A 131 21.40 10.00 -16.57
CA LYS A 131 20.68 10.31 -17.81
C LYS A 131 19.38 9.51 -17.99
N ARG A 132 19.43 8.19 -17.75
CA ARG A 132 18.28 7.40 -18.09
C ARG A 132 17.10 7.76 -17.21
N TRP A 133 17.34 7.84 -15.92
CA TRP A 133 16.30 8.24 -15.01
C TRP A 133 15.80 9.66 -15.39
N VAL A 134 16.71 10.62 -15.52
CA VAL A 134 16.28 11.96 -15.90
C VAL A 134 15.41 11.92 -17.20
N THR A 135 15.85 11.17 -18.20
CA THR A 135 15.06 10.98 -19.42
C THR A 135 13.67 10.41 -19.09
N ASP A 136 13.61 9.41 -18.21
CA ASP A 136 12.33 8.78 -17.92
C ASP A 136 11.35 9.73 -17.23
N LEU A 137 11.87 10.82 -16.63
CA LEU A 137 11.01 11.80 -15.98
C LEU A 137 10.49 12.90 -16.91
N LYS A 138 11.02 12.99 -18.13
CA LYS A 138 10.68 14.11 -19.00
C LYS A 138 9.17 14.23 -19.25
N LYS A 139 8.51 13.11 -19.40
CA LYS A 139 7.10 13.11 -19.66
C LYS A 139 6.25 13.62 -18.48
N LEU A 140 6.84 13.68 -17.30
CA LEU A 140 6.16 14.14 -16.10
C LEU A 140 6.42 15.64 -15.91
N ARG A 141 7.45 16.16 -16.60
CA ARG A 141 7.92 17.58 -16.46
C ARG A 141 8.27 18.00 -15.02
N THR A 142 8.69 17.05 -14.21
CA THR A 142 9.11 17.43 -12.86
C THR A 142 10.52 18.05 -12.90
N ASN A 143 10.82 18.91 -11.94
CA ASN A 143 12.18 19.41 -11.82
C ASN A 143 12.45 19.52 -10.34
N TRP A 144 13.47 20.32 -9.97
CA TRP A 144 13.96 20.39 -8.59
C TRP A 144 13.20 21.44 -7.76
N ILE A 145 12.30 22.20 -8.41
CA ILE A 145 11.61 23.25 -7.74
C ILE A 145 10.28 22.69 -7.21
N LYS A 146 10.08 22.80 -5.90
CA LYS A 146 8.96 22.17 -5.26
C LYS A 146 8.20 23.17 -4.43
N GLU A 147 7.51 24.05 -5.15
CA GLU A 147 6.76 25.12 -4.53
C GLU A 147 5.67 24.56 -3.59
N TYR A 148 5.15 23.38 -3.89
CA TYR A 148 4.15 22.79 -3.01
C TYR A 148 4.67 22.58 -1.56
N LEU A 149 5.98 22.46 -1.35
CA LEU A 149 6.48 22.30 0.00
C LEU A 149 6.16 23.54 0.84
N ASP A 150 6.04 24.70 0.18
CA ASP A 150 5.57 25.92 0.85
C ASP A 150 4.07 26.09 0.77
N THR A 151 3.46 25.89 -0.40
CA THR A 151 2.08 26.33 -0.55
C THR A 151 1.14 25.33 0.12
N ALA A 152 1.46 24.04 0.07
CA ALA A 152 0.55 23.05 0.69
C ALA A 152 0.26 23.33 2.15
N PRO A 153 -0.99 23.19 2.58
CA PRO A 153 -1.15 23.59 4.00
C PRO A 153 -0.63 22.53 4.98
N VAL A 154 -0.44 21.29 4.51
CA VAL A 154 -0.03 20.17 5.37
C VAL A 154 0.97 19.31 4.59
N LEU A 155 2.05 18.91 5.26
CA LEU A 155 2.89 17.86 4.70
C LEU A 155 2.80 16.67 5.61
N ILE A 156 2.70 15.48 5.02
CA ILE A 156 2.83 14.26 5.79
C ILE A 156 4.12 13.57 5.36
N LEU A 157 5.03 13.37 6.30
CA LEU A 157 6.22 12.60 6.03
C LEU A 157 6.04 11.26 6.73
N ILE A 158 6.13 10.19 5.95
CA ILE A 158 5.99 8.87 6.47
C ILE A 158 7.33 8.22 6.70
N PHE A 159 7.58 7.90 7.96
CA PHE A 159 8.81 7.27 8.38
C PHE A 159 8.56 5.81 8.72
N LYS A 160 9.41 4.93 8.23
CA LYS A 160 9.36 3.55 8.68
C LYS A 160 10.23 3.41 9.94
N GLN A 161 9.80 2.56 10.83
CA GLN A 161 10.61 2.27 11.97
C GLN A 161 11.36 0.99 11.63
N VAL A 162 12.66 1.09 11.39
CA VAL A 162 13.39 -0.06 10.89
C VAL A 162 13.60 -1.09 11.99
N HIS A 163 13.40 -0.69 13.24
CA HIS A 163 13.16 -1.61 14.34
C HIS A 163 12.45 -0.79 15.44
N GLY A 164 12.06 -1.43 16.55
CA GLY A 164 11.35 -0.77 17.64
C GLY A 164 11.88 -1.14 19.03
N PHE A 165 11.13 -0.77 20.07
CA PHE A 165 11.60 -0.99 21.46
C PHE A 165 10.68 -1.75 22.41
N ASN A 168 9.31 -3.37 28.18
CA ASN A 168 9.54 -2.03 27.66
C ASN A 168 11.04 -1.77 27.70
N GLY A 169 11.53 -1.04 26.67
CA GLY A 169 12.96 -0.69 26.51
C GLY A 169 13.81 -1.63 25.64
N LYS A 170 13.41 -2.91 25.57
CA LYS A 170 14.10 -3.95 24.77
C LYS A 170 13.84 -3.77 23.24
N LYS A 171 14.90 -3.95 22.46
CA LYS A 171 14.87 -3.77 21.02
C LYS A 171 13.95 -4.82 20.35
N LYS A 172 13.13 -4.41 19.38
CA LYS A 172 12.31 -5.43 18.69
C LYS A 172 12.12 -5.22 17.20
N VAL A 173 11.82 -6.29 16.48
CA VAL A 173 12.51 -6.60 15.23
C VAL A 173 11.23 -6.26 14.41
N HIS A 174 11.34 -5.45 13.36
CA HIS A 174 10.17 -5.08 12.56
C HIS A 174 10.19 -5.77 11.19
N TYR A 175 9.58 -6.95 11.13
CA TYR A 175 9.58 -7.81 9.95
C TYR A 175 8.90 -7.13 8.76
N TYR A 176 9.57 -7.14 7.60
CA TYR A 176 9.05 -6.51 6.41
C TYR A 176 8.54 -5.10 6.72
N ASN A 177 9.33 -4.31 7.47
CA ASN A 177 8.84 -2.99 7.78
C ASN A 177 8.55 -2.14 6.54
N GLU A 178 9.42 -2.23 5.53
CA GLU A 178 9.24 -1.36 4.39
C GLU A 178 7.92 -1.63 3.64
N ILE A 179 7.61 -2.90 3.42
CA ILE A 179 6.39 -3.29 2.74
C ILE A 179 5.20 -2.89 3.60
N SER A 180 5.33 -3.07 4.92
CA SER A 180 4.23 -2.77 5.84
C SER A 180 3.89 -1.28 5.78
N VAL A 181 4.90 -0.43 5.90
CA VAL A 181 4.65 1.00 5.81
C VAL A 181 4.15 1.39 4.42
N SER A 182 4.64 0.75 3.37
CA SER A 182 4.16 1.14 2.04
C SER A 182 2.70 0.71 1.88
N ILE A 183 2.31 -0.42 2.52
CA ILE A 183 0.89 -0.80 2.45
C ILE A 183 0.09 0.29 3.18
N ALA A 184 0.52 0.71 4.36
CA ALA A 184 -0.14 1.84 5.05
C ALA A 184 -0.27 3.11 4.18
N CYS A 185 0.78 3.44 3.42
N CYS A 185 0.76 3.46 3.39
CA CYS A 185 0.76 4.51 2.43
CA CYS A 185 0.64 4.60 2.45
C CYS A 185 -0.39 4.37 1.44
C CYS A 185 -0.42 4.39 1.40
N GLY A 186 -0.55 3.15 0.93
CA GLY A 186 -1.66 2.82 0.02
C GLY A 186 -2.98 3.18 0.68
N LEU A 187 -3.16 2.82 1.96
CA LEU A 187 -4.43 3.14 2.65
C LEU A 187 -4.62 4.63 2.82
N LEU A 188 -3.50 5.32 3.05
CA LEU A 188 -3.53 6.76 3.29
C LEU A 188 -4.00 7.41 2.00
N LEU A 189 -3.44 6.92 0.87
CA LEU A 189 -3.69 7.54 -0.43
C LEU A 189 -5.16 7.35 -0.80
N ALA A 190 -5.68 6.15 -0.53
CA ALA A 190 -7.07 5.85 -0.70
C ALA A 190 -7.91 6.74 0.17
N ALA A 191 -7.49 6.93 1.41
CA ALA A 191 -8.30 7.71 2.34
C ALA A 191 -8.30 9.19 1.89
N LEU A 192 -7.18 9.64 1.33
CA LEU A 192 -7.14 11.02 0.89
C LEU A 192 -8.07 11.21 -0.31
N GLN A 193 -8.04 10.28 -1.27
CA GLN A 193 -8.91 10.37 -2.44
C GLN A 193 -10.38 10.32 -1.99
N ASN A 194 -10.68 9.36 -1.11
CA ASN A 194 -12.03 9.23 -0.58
C ASN A 194 -12.51 10.53 0.10
N ALA A 195 -11.56 11.27 0.70
CA ALA A 195 -11.89 12.51 1.44
C ALA A 195 -11.90 13.76 0.58
N GLY A 196 -11.52 13.67 -0.69
CA GLY A 196 -11.60 14.84 -1.55
C GLY A 196 -10.32 15.71 -1.44
N LEU A 197 -9.19 15.11 -1.03
CA LEU A 197 -7.91 15.81 -1.01
C LEU A 197 -6.97 15.18 -2.04
N VAL A 198 -5.97 15.94 -2.44
CA VAL A 198 -5.01 15.44 -3.39
C VAL A 198 -3.63 15.53 -2.79
N THR A 199 -2.70 14.83 -3.42
CA THR A 199 -1.33 14.82 -3.03
C THR A 199 -0.52 14.26 -4.18
N VAL A 200 0.80 14.18 -3.98
CA VAL A 200 1.66 13.40 -4.84
C VAL A 200 2.59 12.62 -3.91
N THR A 201 2.78 11.33 -4.19
CA THR A 201 3.67 10.50 -3.41
C THR A 201 5.08 10.85 -3.82
N THR A 202 5.89 11.39 -2.91
CA THR A 202 7.29 11.72 -3.35
C THR A 202 8.36 10.95 -2.60
N THR A 203 9.49 10.74 -3.26
CA THR A 203 10.66 10.10 -2.66
C THR A 203 11.85 11.08 -2.90
N PRO A 204 12.11 11.95 -1.94
CA PRO A 204 13.19 12.89 -2.13
C PRO A 204 14.55 12.20 -1.87
N LEU A 205 15.16 11.73 -2.96
CA LEU A 205 16.35 10.91 -2.90
C LEU A 205 17.45 11.69 -2.17
N ASN A 206 18.16 11.02 -1.26
CA ASN A 206 19.23 11.63 -0.44
C ASN A 206 18.80 12.71 0.51
N CYS A 207 17.52 12.82 0.80
CA CYS A 207 17.09 13.80 1.78
C CYS A 207 16.77 13.19 3.12
N GLY A 208 16.66 11.86 3.18
CA GLY A 208 16.26 11.16 4.39
C GLY A 208 16.97 11.66 5.65
N PRO A 209 18.29 11.47 5.72
CA PRO A 209 18.99 11.84 6.96
C PRO A 209 18.83 13.29 7.39
N ARG A 210 18.83 14.22 6.45
CA ARG A 210 18.68 15.61 6.87
C ARG A 210 17.25 15.92 7.38
N LEU A 211 16.25 15.28 6.77
CA LEU A 211 14.89 15.47 7.19
C LEU A 211 14.67 14.87 8.57
N ARG A 212 15.27 13.69 8.78
CA ARG A 212 15.03 12.97 10.00
C ARG A 212 15.55 13.80 11.17
N VAL A 213 16.74 14.36 11.00
CA VAL A 213 17.36 15.21 11.99
C VAL A 213 16.60 16.55 12.20
N LEU A 214 16.23 17.19 11.10
CA LEU A 214 15.49 18.41 11.17
C LEU A 214 14.19 18.22 12.01
N LEU A 215 13.54 17.09 11.84
CA LEU A 215 12.26 16.86 12.45
C LEU A 215 12.38 16.17 13.80
N GLY A 216 13.60 16.05 14.32
CA GLY A 216 13.83 15.40 15.59
C GLY A 216 13.39 13.95 15.66
N ARG A 217 13.37 13.20 14.56
CA ARG A 217 12.98 11.82 14.59
C ARG A 217 14.15 10.96 15.08
N PRO A 218 13.86 9.88 15.82
CA PRO A 218 14.96 9.09 16.38
C PRO A 218 15.67 8.28 15.30
N SER A 219 16.83 7.75 15.65
CA SER A 219 17.71 7.17 14.66
C SER A 219 17.21 5.82 14.11
N HIS A 220 16.19 5.21 14.70
CA HIS A 220 15.59 4.00 14.10
C HIS A 220 14.42 4.28 13.14
N GLU A 221 14.15 5.56 12.87
CA GLU A 221 13.17 5.96 11.89
C GLU A 221 13.88 6.43 10.62
N LYS A 222 13.28 6.15 9.47
CA LYS A 222 13.88 6.42 8.18
C LYS A 222 12.76 6.86 7.26
N LEU A 223 12.98 7.94 6.52
CA LEU A 223 11.91 8.52 5.72
C LEU A 223 11.59 7.61 4.54
N LEU A 224 10.30 7.33 4.33
CA LEU A 224 9.89 6.51 3.21
C LEU A 224 9.41 7.42 2.07
N VAL A 225 8.33 8.18 2.32
CA VAL A 225 7.77 9.11 1.32
C VAL A 225 7.29 10.41 1.96
N LEU A 226 7.19 11.46 1.13
CA LEU A 226 6.61 12.74 1.54
C LEU A 226 5.36 13.08 0.71
N LEU A 227 4.26 13.41 1.40
CA LEU A 227 2.99 13.75 0.78
C LEU A 227 2.61 15.16 1.15
N PRO A 228 2.65 16.09 0.15
CA PRO A 228 2.06 17.42 0.35
C PRO A 228 0.55 17.25 0.19
N VAL A 229 -0.23 17.81 1.11
CA VAL A 229 -1.68 17.58 1.08
C VAL A 229 -2.48 18.88 0.97
N GLY A 230 -3.48 18.90 0.09
CA GLY A 230 -4.54 19.89 0.15
C GLY A 230 -5.49 19.74 -1.02
N TYR A 231 -6.15 20.82 -1.39
CA TYR A 231 -6.90 20.92 -2.62
C TYR A 231 -5.97 21.22 -3.78
N PRO A 232 -6.38 20.85 -5.01
CA PRO A 232 -5.51 21.18 -6.12
C PRO A 232 -5.53 22.69 -6.38
N SER A 233 -4.43 23.26 -6.89
CA SER A 233 -4.52 24.63 -7.44
C SER A 233 -5.65 24.71 -8.47
N ARG A 234 -6.29 25.88 -8.58
CA ARG A 234 -7.32 26.11 -9.60
C ARG A 234 -6.81 25.80 -11.02
N ASP A 235 -5.55 25.97 -11.30
CA ASP A 235 -5.09 25.57 -12.62
C ASP A 235 -4.18 24.33 -12.63
N ALA A 236 -4.35 23.43 -11.66
CA ALA A 236 -3.50 22.23 -11.62
C ALA A 236 -3.61 21.47 -12.93
N THR A 237 -2.48 21.07 -13.47
CA THR A 237 -2.51 20.13 -14.57
C THR A 237 -1.97 18.76 -14.11
N VAL A 238 -2.18 17.72 -14.92
CA VAL A 238 -1.48 16.45 -14.68
C VAL A 238 -1.00 15.96 -16.01
N PRO A 239 0.06 15.15 -16.06
CA PRO A 239 0.41 14.51 -17.34
C PRO A 239 -0.72 13.64 -17.86
N ASP A 240 -0.86 13.55 -19.18
CA ASP A 240 -1.93 12.75 -19.76
C ASP A 240 -1.52 11.25 -19.90
N LEU A 241 -1.35 10.59 -18.75
CA LEU A 241 -0.92 9.21 -18.70
C LEU A 241 -2.13 8.28 -18.76
N LYS A 242 -1.92 7.09 -19.32
CA LYS A 242 -2.96 6.05 -19.30
C LYS A 242 -2.50 4.85 -18.45
N ARG A 243 -3.46 4.24 -17.79
CA ARG A 243 -3.18 3.05 -17.01
C ARG A 243 -3.40 1.84 -17.89
N LYS A 244 -2.65 0.77 -17.62
CA LYS A 244 -2.84 -0.49 -18.30
C LYS A 244 -4.29 -0.99 -18.19
N ALA A 245 -4.73 -1.71 -19.21
CA ALA A 245 -6.03 -2.41 -19.16
C ALA A 245 -5.90 -3.59 -18.18
N LEU A 246 -7.05 -4.07 -17.73
CA LEU A 246 -7.10 -5.20 -16.85
C LEU A 246 -6.30 -6.43 -17.34
N ASP A 247 -6.41 -6.79 -18.61
CA ASP A 247 -5.61 -7.90 -19.09
C ASP A 247 -4.12 -7.63 -19.20
N GLN A 248 -3.65 -6.43 -18.92
CA GLN A 248 -2.18 -6.22 -18.89
C GLN A 248 -1.60 -6.27 -17.46
N ILE A 249 -2.47 -6.47 -16.46
CA ILE A 249 -2.01 -6.52 -15.06
C ILE A 249 -2.53 -7.74 -14.34
N MET A 250 -3.54 -8.40 -14.92
CA MET A 250 -4.11 -9.55 -14.27
C MET A 250 -3.92 -10.82 -15.12
N VAL A 251 -3.36 -11.87 -14.53
CA VAL A 251 -3.21 -13.17 -15.21
C VAL A 251 -3.96 -14.25 -14.44
N THR A 252 -4.82 -15.02 -15.11
CA THR A 252 -5.49 -16.18 -14.49
C THR A 252 -4.77 -17.43 -14.96
N VAL A 253 -4.25 -18.21 -14.00
CA VAL A 253 -3.44 -19.42 -14.29
C VAL A 253 -4.05 -20.72 -13.80
N HIS A 254 -4.21 -21.70 -14.70
CA HIS A 254 -4.55 -23.11 -14.29
C HIS A 254 -3.51 -24.13 -14.79
N HIS A 255 -3.74 -25.44 -14.55
CA HIS A 255 -2.78 -26.56 -14.88
C HIS A 255 -2.28 -26.61 -16.35
N SER B 34 7.47 13.77 -23.02
CA SER B 34 7.04 12.84 -24.13
C SER B 34 5.61 13.09 -24.74
N VAL B 35 4.56 13.22 -23.89
CA VAL B 35 3.24 13.78 -24.38
C VAL B 35 2.53 14.93 -23.54
N GLU B 36 1.27 15.22 -23.84
CA GLU B 36 0.62 16.43 -23.35
C GLU B 36 0.13 16.39 -21.91
N HIS B 37 -0.16 17.55 -21.36
CA HIS B 37 -0.59 17.67 -19.97
C HIS B 37 -1.96 18.27 -20.06
N ILE B 38 -2.86 17.93 -19.15
CA ILE B 38 -4.25 18.30 -19.31
C ILE B 38 -4.69 18.88 -17.96
N PRO B 39 -5.73 19.73 -17.94
CA PRO B 39 -6.28 20.19 -16.65
C PRO B 39 -6.63 19.03 -15.74
N PHE B 40 -6.41 19.21 -14.45
CA PHE B 40 -6.80 18.19 -13.52
C PHE B 40 -8.26 18.42 -13.14
N SER B 41 -9.04 17.35 -13.06
CA SER B 41 -10.45 17.56 -12.67
C SER B 41 -10.67 16.84 -11.37
N HIS B 42 -11.27 17.59 -10.47
CA HIS B 42 -11.33 17.22 -9.10
C HIS B 42 -12.78 17.25 -8.60
N THR B 43 -13.16 16.27 -7.79
CA THR B 43 -14.44 16.37 -7.06
C THR B 43 -14.21 16.94 -5.66
N ARG B 44 -14.69 18.16 -5.40
CA ARG B 44 -14.61 18.76 -4.06
C ARG B 44 -15.86 18.47 -3.24
N TYR B 45 -15.69 18.04 -1.99
CA TYR B 45 -16.85 17.92 -1.09
C TYR B 45 -16.81 19.04 -0.10
N PRO B 46 -18.01 19.51 0.39
CA PRO B 46 -17.97 20.49 1.52
C PRO B 46 -17.24 19.91 2.73
N GLU B 47 -16.65 20.75 3.58
CA GLU B 47 -15.88 20.27 4.72
C GLU B 47 -16.59 19.21 5.55
N GLN B 48 -17.86 19.46 5.86
CA GLN B 48 -18.69 18.54 6.63
C GLN B 48 -18.75 17.14 6.02
N GLU B 49 -19.02 17.10 4.72
CA GLU B 49 -19.02 15.87 4.01
C GLU B 49 -17.60 15.23 4.00
N MET B 50 -16.53 16.05 3.99
CA MET B 50 -15.19 15.48 4.02
C MET B 50 -14.93 14.80 5.37
N ARG B 51 -15.36 15.44 6.46
CA ARG B 51 -15.29 14.82 7.79
C ARG B 51 -16.04 13.51 7.84
N MET B 52 -17.29 13.51 7.37
N MET B 52 -17.30 13.52 7.39
CA MET B 52 -18.10 12.31 7.48
CA MET B 52 -18.16 12.33 7.43
C MET B 52 -17.57 11.15 6.61
C MET B 52 -17.52 11.19 6.63
N ARG B 53 -17.18 11.46 5.37
CA ARG B 53 -16.56 10.45 4.49
C ARG B 53 -15.30 9.83 5.07
N SER B 54 -14.44 10.68 5.63
CA SER B 54 -13.13 10.23 6.13
C SER B 54 -13.31 9.42 7.40
N GLN B 55 -14.29 9.81 8.18
CA GLN B 55 -14.71 9.05 9.32
C GLN B 55 -15.20 7.67 8.97
N GLU B 56 -16.10 7.61 8.01
CA GLU B 56 -16.67 6.33 7.73
C GLU B 56 -15.77 5.38 7.00
N PHE B 57 -14.84 5.93 6.23
CA PHE B 57 -13.83 5.13 5.58
C PHE B 57 -12.86 4.55 6.62
N TYR B 58 -12.50 5.35 7.63
CA TYR B 58 -11.69 4.82 8.72
C TYR B 58 -12.40 3.68 9.45
N GLU B 59 -13.68 3.87 9.73
CA GLU B 59 -14.45 2.86 10.41
C GLU B 59 -14.53 1.58 9.59
N LEU B 60 -14.73 1.74 8.29
CA LEU B 60 -14.75 0.62 7.36
C LEU B 60 -13.41 -0.13 7.35
N LEU B 61 -12.27 0.59 7.27
CA LEU B 61 -10.95 -0.01 7.23
C LEU B 61 -10.55 -0.63 8.58
N ASN B 62 -11.00 0.00 9.65
CA ASN B 62 -10.71 -0.53 10.94
C ASN B 62 -11.35 -1.88 11.22
N LYS B 63 -12.45 -2.18 10.55
CA LYS B 63 -13.07 -3.51 10.71
C LYS B 63 -12.29 -4.60 9.95
N ARG B 64 -11.33 -4.20 9.12
CA ARG B 64 -10.48 -5.18 8.42
C ARG B 64 -9.58 -5.94 9.40
N ARG B 65 -9.57 -7.28 9.31
CA ARG B 65 -8.59 -8.07 10.03
C ARG B 65 -8.03 -9.09 9.06
N SER B 66 -6.79 -9.53 9.31
CA SER B 66 -6.20 -10.65 8.59
C SER B 66 -6.93 -11.89 9.08
N VAL B 67 -7.57 -12.61 8.16
CA VAL B 67 -8.42 -13.76 8.49
C VAL B 67 -7.75 -14.99 7.87
N ARG B 68 -7.42 -15.97 8.73
CA ARG B 68 -6.67 -17.13 8.25
C ARG B 68 -7.55 -18.37 8.00
N PHE B 69 -8.86 -18.16 8.01
CA PHE B 69 -9.82 -19.24 7.88
C PHE B 69 -10.87 -18.85 6.85
N ILE B 70 -10.78 -19.47 5.69
CA ILE B 70 -11.52 -18.97 4.57
C ILE B 70 -12.47 -20.02 4.00
N SER B 71 -13.71 -19.61 3.91
CA SER B 71 -14.77 -20.44 3.38
C SER B 71 -14.48 -20.78 1.90
N SER B 72 -14.99 -21.91 1.45
CA SER B 72 -14.78 -22.26 0.08
C SER B 72 -15.99 -21.88 -0.78
N GLU B 73 -16.90 -21.08 -0.25
CA GLU B 73 -17.97 -20.52 -1.03
C GLU B 73 -17.48 -19.66 -2.21
N HIS B 74 -18.08 -19.88 -3.37
N HIS B 74 -18.07 -19.89 -3.40
CA HIS B 74 -17.71 -19.14 -4.58
CA HIS B 74 -17.71 -19.13 -4.61
C HIS B 74 -17.83 -17.63 -4.34
C HIS B 74 -17.83 -17.62 -4.36
N VAL B 75 -16.93 -16.85 -4.95
CA VAL B 75 -17.03 -15.40 -4.97
C VAL B 75 -17.19 -14.93 -6.43
N PRO B 76 -17.92 -13.85 -6.66
CA PRO B 76 -18.10 -13.47 -8.05
C PRO B 76 -16.81 -12.89 -8.66
N MET B 77 -16.45 -13.42 -9.82
CA MET B 77 -15.20 -13.11 -10.49
C MET B 77 -15.11 -11.62 -10.86
N GLU B 78 -16.25 -11.04 -11.11
CA GLU B 78 -16.30 -9.67 -11.45
C GLU B 78 -15.79 -8.80 -10.27
N VAL B 79 -16.00 -9.28 -9.05
CA VAL B 79 -15.55 -8.54 -7.86
C VAL B 79 -14.03 -8.61 -7.77
N ILE B 80 -13.50 -9.82 -7.95
CA ILE B 80 -12.07 -9.99 -7.97
C ILE B 80 -11.43 -9.03 -9.00
N GLU B 81 -12.02 -8.97 -10.19
CA GLU B 81 -11.57 -8.06 -11.21
C GLU B 81 -11.58 -6.61 -10.77
N ASN B 82 -12.70 -6.18 -10.17
CA ASN B 82 -12.82 -4.81 -9.69
C ASN B 82 -11.82 -4.47 -8.61
N VAL B 83 -11.48 -5.43 -7.74
CA VAL B 83 -10.50 -5.08 -6.72
C VAL B 83 -9.13 -4.99 -7.32
N ILE B 84 -8.84 -5.85 -8.30
CA ILE B 84 -7.54 -5.77 -8.96
C ILE B 84 -7.43 -4.46 -9.83
N LYS B 85 -8.47 -4.13 -10.59
CA LYS B 85 -8.52 -2.82 -11.25
C LYS B 85 -8.23 -1.65 -10.29
N ALA B 86 -8.79 -1.71 -9.07
CA ALA B 86 -8.56 -0.66 -8.06
C ALA B 86 -7.09 -0.67 -7.70
N ALA B 87 -6.52 -1.85 -7.43
CA ALA B 87 -5.11 -1.91 -7.06
C ALA B 87 -4.28 -1.26 -8.21
N GLY B 88 -4.72 -1.46 -9.45
CA GLY B 88 -3.98 -0.94 -10.60
C GLY B 88 -3.97 0.57 -10.74
N THR B 89 -4.81 1.27 -9.95
CA THR B 89 -4.87 2.75 -9.96
C THR B 89 -3.76 3.38 -9.10
N ALA B 90 -2.96 2.56 -8.42
CA ALA B 90 -1.96 3.03 -7.50
C ALA B 90 -0.94 3.91 -8.25
N PRO B 91 -0.31 4.86 -7.54
CA PRO B 91 0.82 5.56 -8.17
C PRO B 91 1.98 4.59 -8.34
N SER B 92 2.95 4.92 -9.20
CA SER B 92 4.14 4.12 -9.30
C SER B 92 5.29 4.98 -9.76
N GLY B 93 6.48 4.60 -9.33
CA GLY B 93 7.67 5.42 -9.66
C GLY B 93 7.80 5.59 -11.16
N ALA B 94 7.89 6.86 -11.61
CA ALA B 94 7.97 7.19 -13.06
C ALA B 94 6.88 6.52 -13.94
N HIS B 95 5.68 6.31 -13.37
CA HIS B 95 4.56 5.66 -14.11
C HIS B 95 4.97 4.35 -14.78
N THR B 96 5.49 3.43 -13.99
CA THR B 96 5.96 2.18 -14.55
C THR B 96 4.97 1.05 -14.33
N GLU B 97 3.98 1.25 -13.44
CA GLU B 97 3.00 0.21 -13.11
C GLU B 97 3.57 -1.21 -13.06
N PRO B 98 4.53 -1.46 -12.15
CA PRO B 98 5.37 -2.70 -12.23
C PRO B 98 4.77 -3.88 -11.45
N TRP B 99 3.50 -4.15 -11.64
CA TRP B 99 2.80 -5.18 -10.89
C TRP B 99 2.07 -6.18 -11.79
N THR B 100 2.08 -7.44 -11.38
CA THR B 100 1.27 -8.48 -12.03
C THR B 100 0.46 -9.16 -10.94
N PHE B 101 -0.83 -9.22 -11.11
CA PHE B 101 -1.70 -9.97 -10.20
C PHE B 101 -2.06 -11.32 -10.82
N VAL B 102 -1.54 -12.40 -10.23
CA VAL B 102 -1.79 -13.75 -10.71
C VAL B 102 -2.91 -14.33 -9.86
N VAL B 103 -3.98 -14.75 -10.53
CA VAL B 103 -5.20 -15.24 -9.88
C VAL B 103 -5.28 -16.74 -10.13
N VAL B 104 -5.41 -17.52 -9.07
CA VAL B 104 -5.50 -18.96 -9.19
C VAL B 104 -6.80 -19.41 -8.51
N LYS B 105 -7.64 -20.11 -9.25
CA LYS B 105 -8.88 -20.72 -8.77
C LYS B 105 -8.80 -22.26 -8.89
N ASP B 106 -8.06 -22.74 -9.88
CA ASP B 106 -8.01 -24.19 -10.14
C ASP B 106 -7.54 -25.00 -8.90
N PRO B 107 -8.35 -25.96 -8.43
CA PRO B 107 -7.99 -26.73 -7.21
C PRO B 107 -6.65 -27.49 -7.26
N ASP B 108 -6.32 -28.06 -8.42
CA ASP B 108 -5.06 -28.77 -8.65
C ASP B 108 -3.91 -27.74 -8.37
N MET B 109 -3.96 -26.62 -9.07
N MET B 109 -3.95 -26.62 -9.07
CA MET B 109 -2.96 -25.59 -8.94
CA MET B 109 -2.92 -25.60 -8.92
C MET B 109 -2.90 -24.98 -7.53
C MET B 109 -2.89 -24.99 -7.51
N LYS B 110 -4.06 -24.73 -6.92
CA LYS B 110 -4.07 -24.22 -5.50
C LYS B 110 -3.37 -25.22 -4.57
N HIS B 111 -3.54 -26.49 -4.84
CA HIS B 111 -2.96 -27.45 -3.95
C HIS B 111 -1.44 -27.62 -4.12
N LYS B 112 -0.95 -27.52 -5.34
CA LYS B 112 0.48 -27.46 -5.61
C LYS B 112 1.13 -26.25 -4.94
N ILE B 113 0.46 -25.10 -4.99
CA ILE B 113 0.93 -23.94 -4.27
C ILE B 113 0.99 -24.28 -2.77
N ARG B 114 -0.04 -24.91 -2.24
CA ARG B 114 -0.03 -25.33 -0.85
C ARG B 114 1.14 -26.29 -0.53
N GLU B 115 1.41 -27.27 -1.40
CA GLU B 115 2.53 -28.16 -1.11
C GLU B 115 3.86 -27.42 -1.03
N ILE B 116 4.08 -26.45 -1.91
CA ILE B 116 5.32 -25.71 -1.86
C ILE B 116 5.38 -24.88 -0.57
N ILE B 117 4.29 -24.18 -0.26
CA ILE B 117 4.33 -23.29 0.88
C ILE B 117 4.49 -24.06 2.17
N GLU B 118 3.80 -25.17 2.30
CA GLU B 118 3.91 -25.91 3.54
C GLU B 118 5.31 -26.51 3.67
N GLU B 119 5.87 -27.02 2.57
CA GLU B 119 7.23 -27.51 2.64
C GLU B 119 8.21 -26.40 3.08
N GLU B 120 8.18 -25.27 2.39
CA GLU B 120 9.11 -24.22 2.71
C GLU B 120 8.86 -23.66 4.12
N GLU B 121 7.59 -23.50 4.51
CA GLU B 121 7.33 -22.86 5.79
C GLU B 121 7.81 -23.77 6.90
N GLU B 122 7.74 -25.09 6.70
CA GLU B 122 8.18 -25.97 7.77
C GLU B 122 9.67 -25.76 8.08
N ILE B 123 10.47 -25.68 7.02
CA ILE B 123 11.89 -25.42 7.18
C ILE B 123 12.07 -24.01 7.79
N ASN B 124 11.23 -23.06 7.41
CA ASN B 124 11.27 -21.72 7.96
C ASN B 124 11.04 -21.74 9.48
N TYR B 125 10.06 -22.48 9.94
CA TYR B 125 9.79 -22.50 11.37
C TYR B 125 10.89 -23.23 12.10
N MET B 126 11.35 -24.33 11.52
CA MET B 126 12.30 -25.21 12.19
C MET B 126 13.68 -24.62 12.21
N LYS B 127 14.01 -23.85 11.18
CA LYS B 127 15.42 -23.56 10.91
C LYS B 127 15.67 -22.11 10.49
N ARG B 128 15.00 -21.65 9.45
CA ARG B 128 15.41 -20.42 8.78
C ARG B 128 14.97 -19.12 9.46
N MET B 129 13.81 -19.07 10.07
CA MET B 129 13.36 -17.84 10.72
C MET B 129 14.20 -17.47 11.94
N GLY B 130 14.66 -18.47 12.70
CA GLY B 130 15.42 -18.25 13.94
C GLY B 130 14.48 -18.14 15.12
N LYS B 131 15.00 -18.40 16.33
CA LYS B 131 14.22 -18.38 17.56
C LYS B 131 13.41 -17.08 17.81
N ARG B 132 14.01 -15.90 17.64
CA ARG B 132 13.32 -14.69 18.01
C ARG B 132 12.04 -14.49 17.17
N TRP B 133 12.17 -14.68 15.84
CA TRP B 133 11.03 -14.59 14.91
C TRP B 133 9.94 -15.59 15.32
N VAL B 134 10.32 -16.84 15.58
CA VAL B 134 9.33 -17.87 15.91
C VAL B 134 8.59 -17.42 17.19
N THR B 135 9.33 -16.91 18.17
CA THR B 135 8.73 -16.37 19.40
C THR B 135 7.80 -15.20 19.10
N ASP B 136 8.19 -14.33 18.17
CA ASP B 136 7.36 -13.17 17.90
C ASP B 136 6.05 -13.54 17.25
N LEU B 137 5.95 -14.79 16.75
CA LEU B 137 4.74 -15.24 16.05
C LEU B 137 3.84 -16.12 16.93
N LYS B 138 4.31 -16.49 18.13
CA LYS B 138 3.46 -17.34 19.03
C LYS B 138 2.02 -16.75 19.13
N LYS B 139 1.92 -15.45 19.31
CA LYS B 139 0.64 -14.86 19.59
C LYS B 139 -0.31 -14.95 18.40
N LEU B 140 0.20 -15.27 17.22
CA LEU B 140 -0.68 -15.43 16.06
C LEU B 140 -1.12 -16.89 15.91
N ARG B 141 -0.48 -17.80 16.65
CA ARG B 141 -0.74 -19.24 16.56
C ARG B 141 -0.56 -19.78 15.12
N THR B 142 0.30 -19.16 14.33
CA THR B 142 0.57 -19.64 12.97
C THR B 142 1.64 -20.74 13.01
N ASN B 143 1.54 -21.63 12.03
CA ASN B 143 2.58 -22.59 11.77
C ASN B 143 2.64 -22.83 10.28
N TRP B 144 3.19 -23.96 9.87
CA TRP B 144 3.35 -24.25 8.45
C TRP B 144 2.14 -24.91 7.80
N ILE B 145 1.11 -25.25 8.56
CA ILE B 145 -0.11 -25.79 7.94
C ILE B 145 -1.01 -24.65 7.41
N LYS B 146 -1.29 -24.64 6.11
CA LYS B 146 -2.02 -23.52 5.49
C LYS B 146 -3.25 -24.02 4.72
N GLU B 147 -4.24 -24.44 5.49
CA GLU B 147 -5.47 -24.96 4.92
C GLU B 147 -6.19 -23.98 3.97
N TYR B 148 -6.03 -22.69 4.23
CA TYR B 148 -6.67 -21.67 3.41
C TYR B 148 -6.17 -21.70 1.95
N LEU B 149 -4.99 -22.25 1.68
CA LEU B 149 -4.50 -22.30 0.30
C LEU B 149 -5.37 -23.27 -0.53
N ASP B 150 -5.93 -24.29 0.11
CA ASP B 150 -6.92 -25.14 -0.54
C ASP B 150 -8.33 -24.54 -0.47
N THR B 151 -8.74 -24.07 0.69
CA THR B 151 -10.16 -23.83 0.84
C THR B 151 -10.59 -22.50 0.19
N ALA B 152 -9.72 -21.51 0.15
CA ALA B 152 -10.11 -20.22 -0.36
C ALA B 152 -10.46 -20.38 -1.87
N PRO B 153 -11.56 -19.74 -2.34
CA PRO B 153 -11.93 -19.89 -3.75
C PRO B 153 -10.90 -19.25 -4.70
N VAL B 154 -10.25 -18.17 -4.30
CA VAL B 154 -9.30 -17.49 -5.17
C VAL B 154 -7.99 -17.23 -4.41
N LEU B 155 -6.85 -17.45 -5.06
CA LEU B 155 -5.59 -16.96 -4.47
C LEU B 155 -5.11 -15.85 -5.42
N ILE B 156 -4.67 -14.73 -4.83
CA ILE B 156 -4.02 -13.66 -5.58
C ILE B 156 -2.57 -13.56 -5.14
N LEU B 157 -1.68 -13.82 -6.09
CA LEU B 157 -0.26 -13.68 -5.91
C LEU B 157 0.19 -12.40 -6.58
N ILE B 158 0.78 -11.52 -5.78
CA ILE B 158 1.18 -10.26 -6.30
C ILE B 158 2.68 -10.33 -6.57
N PHE B 159 3.03 -10.20 -7.84
CA PHE B 159 4.40 -10.16 -8.26
C PHE B 159 4.82 -8.74 -8.59
N LYS B 160 6.00 -8.36 -8.12
CA LYS B 160 6.61 -7.11 -8.56
C LYS B 160 7.45 -7.37 -9.81
N GLN B 161 7.42 -6.45 -10.77
CA GLN B 161 8.30 -6.56 -11.94
C GLN B 161 9.54 -5.74 -11.60
N VAL B 162 10.68 -6.41 -11.36
CA VAL B 162 11.87 -5.72 -10.89
C VAL B 162 12.52 -4.90 -11.99
N HIS B 163 12.20 -5.25 -13.24
CA HIS B 163 12.39 -4.37 -14.38
C HIS B 163 11.33 -4.69 -15.43
N GLY B 164 11.29 -3.93 -16.52
CA GLY B 164 10.23 -4.13 -17.51
C GLY B 164 10.82 -4.16 -18.91
N PHE B 165 9.94 -4.14 -19.92
CA PHE B 165 10.38 -4.22 -21.31
C PHE B 165 9.67 -3.22 -22.24
N ASN B 168 10.70 -0.68 -28.04
CA ASN B 168 10.27 -1.80 -28.89
C ASN B 168 10.01 -3.03 -28.02
N GLY B 169 11.06 -3.86 -27.82
CA GLY B 169 11.19 -4.72 -26.60
C GLY B 169 12.45 -4.41 -25.74
N LYS B 170 12.70 -3.12 -25.48
CA LYS B 170 13.87 -2.72 -24.66
C LYS B 170 13.56 -2.71 -23.15
N LYS B 171 14.64 -2.89 -22.38
CA LYS B 171 14.65 -3.04 -20.94
C LYS B 171 14.39 -1.69 -20.22
N LYS B 172 13.28 -1.53 -19.52
CA LYS B 172 13.09 -0.30 -18.75
C LYS B 172 13.20 -0.44 -17.23
N VAL B 173 13.79 0.59 -16.58
CA VAL B 173 13.98 0.68 -15.10
C VAL B 173 12.56 0.79 -14.56
N HIS B 174 12.17 -0.11 -13.67
CA HIS B 174 11.36 0.15 -12.48
C HIS B 174 11.70 0.76 -11.13
N TYR B 175 11.63 2.09 -11.07
CA TYR B 175 12.02 2.86 -9.91
C TYR B 175 11.10 2.55 -8.75
N TYR B 176 11.70 2.22 -7.61
CA TYR B 176 10.97 1.97 -6.40
C TYR B 176 9.86 0.93 -6.65
N ASN B 177 10.19 -0.14 -7.37
CA ASN B 177 9.15 -1.08 -7.71
C ASN B 177 8.52 -1.76 -6.46
N GLU B 178 9.34 -2.08 -5.47
CA GLU B 178 8.80 -2.76 -4.30
C GLU B 178 7.84 -1.87 -3.58
N ILE B 179 8.24 -0.63 -3.32
CA ILE B 179 7.31 0.30 -2.67
C ILE B 179 6.02 0.49 -3.50
N SER B 180 6.16 0.67 -4.82
CA SER B 180 5.00 0.88 -5.70
C SER B 180 4.03 -0.30 -5.62
N VAL B 181 4.58 -1.52 -5.73
CA VAL B 181 3.76 -2.65 -5.68
C VAL B 181 3.14 -2.80 -4.30
N SER B 182 3.86 -2.47 -3.24
CA SER B 182 3.22 -2.50 -1.91
C SER B 182 2.10 -1.47 -1.77
N ILE B 183 2.28 -0.27 -2.32
CA ILE B 183 1.15 0.68 -2.31
C ILE B 183 -0.04 0.05 -3.02
N ALA B 184 0.16 -0.56 -4.20
CA ALA B 184 -0.98 -1.21 -4.87
C ALA B 184 -1.63 -2.29 -4.01
N CYS B 185 -0.81 -3.05 -3.27
N CYS B 185 -0.83 -3.06 -3.26
CA CYS B 185 -1.34 -4.04 -2.32
CA CYS B 185 -1.39 -4.04 -2.32
C CYS B 185 -2.26 -3.40 -1.29
C CYS B 185 -2.28 -3.41 -1.25
N GLY B 186 -1.89 -2.23 -0.78
CA GLY B 186 -2.71 -1.46 0.15
C GLY B 186 -4.06 -1.15 -0.46
N LEU B 187 -4.06 -0.71 -1.73
CA LEU B 187 -5.30 -0.40 -2.40
C LEU B 187 -6.14 -1.66 -2.54
N LEU B 188 -5.48 -2.78 -2.87
CA LEU B 188 -6.17 -4.05 -3.03
C LEU B 188 -6.84 -4.43 -1.70
N LEU B 189 -6.10 -4.29 -0.60
CA LEU B 189 -6.64 -4.64 0.72
C LEU B 189 -7.87 -3.80 1.05
N ALA B 190 -7.81 -2.50 0.70
CA ALA B 190 -8.91 -1.58 0.96
C ALA B 190 -10.07 -2.02 0.09
N ALA B 191 -9.80 -2.33 -1.18
CA ALA B 191 -10.87 -2.72 -2.08
C ALA B 191 -11.60 -4.03 -1.64
N LEU B 192 -10.80 -5.00 -1.15
CA LEU B 192 -11.32 -6.24 -0.61
C LEU B 192 -12.23 -5.95 0.57
N GLN B 193 -11.76 -5.19 1.55
CA GLN B 193 -12.61 -4.77 2.69
C GLN B 193 -13.92 -4.03 2.24
N ASN B 194 -13.78 -3.12 1.30
CA ASN B 194 -14.93 -2.38 0.81
C ASN B 194 -15.97 -3.28 0.11
N ALA B 195 -15.51 -4.39 -0.47
CA ALA B 195 -16.34 -5.34 -1.21
C ALA B 195 -16.91 -6.47 -0.36
N GLY B 196 -16.52 -6.59 0.92
CA GLY B 196 -17.09 -7.58 1.81
C GLY B 196 -16.41 -8.92 1.64
N LEU B 197 -15.14 -8.90 1.22
CA LEU B 197 -14.32 -10.08 1.22
C LEU B 197 -13.19 -9.96 2.25
N VAL B 198 -12.60 -11.11 2.59
CA VAL B 198 -11.52 -11.15 3.60
C VAL B 198 -10.28 -11.79 3.03
N THR B 199 -9.17 -11.58 3.70
CA THR B 199 -7.91 -12.16 3.30
C THR B 199 -6.88 -12.05 4.43
N VAL B 200 -5.68 -12.58 4.21
CA VAL B 200 -4.58 -12.33 5.11
C VAL B 200 -3.37 -12.08 4.22
N THR B 201 -2.64 -10.99 4.48
CA THR B 201 -1.46 -10.67 3.65
C THR B 201 -0.36 -11.66 4.01
N THR B 202 0.13 -12.51 3.10
CA THR B 202 1.21 -13.52 3.47
C THR B 202 2.39 -13.14 2.64
N THR B 203 3.55 -13.19 3.25
CA THR B 203 4.80 -13.60 2.71
C THR B 203 5.41 -14.97 2.85
N PRO B 204 5.19 -15.83 1.82
CA PRO B 204 5.74 -17.17 1.85
C PRO B 204 7.29 -17.14 1.63
N LEU B 205 8.05 -16.91 2.71
CA LEU B 205 9.51 -16.77 2.67
C LEU B 205 10.20 -17.99 1.97
N ASN B 206 11.13 -17.71 1.04
CA ASN B 206 11.82 -18.72 0.18
C ASN B 206 10.91 -19.53 -0.74
N CYS B 207 9.67 -19.09 -0.95
CA CYS B 207 8.78 -19.84 -1.86
C CYS B 207 8.69 -19.20 -3.22
N GLY B 208 9.16 -17.95 -3.33
CA GLY B 208 9.01 -17.12 -4.53
C GLY B 208 9.44 -17.84 -5.80
N PRO B 209 10.71 -18.24 -5.89
CA PRO B 209 11.15 -18.85 -7.14
C PRO B 209 10.37 -20.10 -7.48
N ARG B 210 10.03 -20.93 -6.50
CA ARG B 210 9.27 -22.14 -6.82
C ARG B 210 7.87 -21.77 -7.33
N LEU B 211 7.25 -20.78 -6.73
CA LEU B 211 5.89 -20.43 -7.11
C LEU B 211 5.89 -19.69 -8.47
N ARG B 212 6.88 -18.83 -8.70
CA ARG B 212 7.06 -18.16 -9.99
C ARG B 212 7.22 -19.18 -11.13
N VAL B 213 8.07 -20.17 -10.92
CA VAL B 213 8.26 -21.20 -11.92
C VAL B 213 6.97 -21.97 -12.17
N LEU B 214 6.30 -22.34 -11.09
CA LEU B 214 5.09 -23.16 -11.19
C LEU B 214 4.02 -22.41 -11.96
N LEU B 215 3.93 -21.13 -11.71
CA LEU B 215 2.88 -20.34 -12.34
C LEU B 215 3.28 -19.78 -13.72
N GLY B 216 4.44 -20.17 -14.26
CA GLY B 216 4.85 -19.75 -15.59
C GLY B 216 5.22 -18.27 -15.68
N ARG B 217 5.53 -17.59 -14.56
CA ARG B 217 5.87 -16.17 -14.60
C ARG B 217 7.30 -15.94 -15.06
N PRO B 218 7.57 -14.82 -15.78
CA PRO B 218 8.95 -14.62 -16.29
C PRO B 218 9.93 -14.23 -15.15
N SER B 219 11.22 -14.30 -15.45
CA SER B 219 12.22 -14.21 -14.38
C SER B 219 12.40 -12.79 -13.89
N HIS B 220 11.85 -11.82 -14.60
CA HIS B 220 11.84 -10.47 -14.03
C HIS B 220 10.67 -10.19 -13.03
N GLU B 221 9.78 -11.16 -12.78
CA GLU B 221 8.73 -11.09 -11.71
C GLU B 221 9.42 -11.74 -10.49
N LYS B 222 9.42 -11.11 -9.31
CA LYS B 222 9.21 -11.75 -8.02
C LYS B 222 7.97 -11.68 -7.19
N LEU B 223 7.73 -12.75 -6.43
CA LEU B 223 6.61 -12.83 -5.57
C LEU B 223 6.80 -11.79 -4.46
N LEU B 224 5.80 -10.94 -4.28
CA LEU B 224 5.83 -10.02 -3.16
C LEU B 224 4.96 -10.57 -2.03
N VAL B 225 3.70 -10.84 -2.32
CA VAL B 225 2.74 -11.17 -1.29
C VAL B 225 1.76 -12.16 -1.90
N LEU B 226 1.23 -13.07 -1.08
CA LEU B 226 0.15 -13.97 -1.51
C LEU B 226 -1.11 -13.70 -0.66
N LEU B 227 -2.27 -13.50 -1.31
CA LEU B 227 -3.54 -13.20 -0.64
C LEU B 227 -4.56 -14.27 -0.98
N PRO B 228 -4.95 -15.10 0.00
CA PRO B 228 -6.13 -15.97 -0.23
C PRO B 228 -7.36 -15.14 0.02
N VAL B 229 -8.35 -15.23 -0.86
CA VAL B 229 -9.50 -14.33 -0.81
C VAL B 229 -10.80 -15.13 -0.73
N GLY B 230 -11.71 -14.68 0.12
CA GLY B 230 -13.10 -15.16 0.07
C GLY B 230 -13.90 -14.67 1.26
N TYR B 231 -14.94 -15.44 1.64
CA TYR B 231 -15.71 -15.13 2.85
C TYR B 231 -15.03 -15.77 4.01
N PRO B 232 -15.18 -15.20 5.20
CA PRO B 232 -14.53 -15.90 6.31
C PRO B 232 -15.26 -17.23 6.59
N SER B 233 -14.59 -18.24 7.08
CA SER B 233 -15.30 -19.39 7.61
C SER B 233 -16.30 -18.98 8.68
N ARG B 234 -17.40 -19.73 8.78
CA ARG B 234 -18.35 -19.53 9.91
C ARG B 234 -17.69 -19.50 11.29
N ASP B 235 -16.72 -20.37 11.53
CA ASP B 235 -16.05 -20.32 12.84
C ASP B 235 -14.69 -19.63 12.80
N ALA B 236 -14.50 -18.70 11.85
CA ALA B 236 -13.26 -17.97 11.75
C ALA B 236 -12.92 -17.31 13.06
N THR B 237 -11.63 -17.29 13.33
CA THR B 237 -11.11 -16.70 14.53
C THR B 237 -10.03 -15.65 14.14
N VAL B 238 -9.78 -14.65 14.98
CA VAL B 238 -8.61 -13.77 14.80
C VAL B 238 -7.96 -13.58 16.17
N PRO B 239 -6.66 -13.26 16.22
CA PRO B 239 -6.08 -12.92 17.52
C PRO B 239 -6.62 -11.60 18.02
N ASP B 240 -6.71 -11.45 19.33
CA ASP B 240 -7.32 -10.26 19.90
C ASP B 240 -6.26 -9.16 19.98
N LEU B 241 -5.85 -8.61 18.83
CA LEU B 241 -4.79 -7.65 18.84
C LEU B 241 -5.47 -6.29 18.94
N LYS B 242 -4.72 -5.31 19.45
CA LYS B 242 -5.18 -3.92 19.47
C LYS B 242 -4.27 -3.03 18.64
N ARG B 243 -4.87 -2.04 17.99
CA ARG B 243 -4.11 -1.04 17.22
C ARG B 243 -3.66 0.13 18.09
N LYS B 244 -2.52 0.73 17.77
CA LYS B 244 -2.06 1.93 18.47
C LYS B 244 -3.08 3.05 18.39
N ALA B 245 -3.11 3.88 19.41
CA ALA B 245 -3.93 5.11 19.34
C ALA B 245 -3.31 6.13 18.34
N LEU B 246 -4.12 7.08 17.87
CA LEU B 246 -3.64 8.12 16.99
C LEU B 246 -2.38 8.80 17.49
N ASP B 247 -2.32 9.14 18.76
CA ASP B 247 -1.12 9.83 19.18
C ASP B 247 0.07 8.92 19.33
N GLN B 248 -0.07 7.61 19.10
CA GLN B 248 1.11 6.73 19.07
C GLN B 248 1.63 6.54 17.64
N ILE B 249 0.91 7.07 16.64
CA ILE B 249 1.39 6.96 15.24
C ILE B 249 1.58 8.29 14.53
N MET B 250 0.92 9.35 15.00
CA MET B 250 1.02 10.67 14.40
C MET B 250 1.81 11.67 15.26
N VAL B 251 2.75 12.38 14.66
CA VAL B 251 3.46 13.42 15.37
C VAL B 251 3.26 14.71 14.61
N THR B 252 2.93 15.78 15.34
CA THR B 252 2.95 17.14 14.74
C THR B 252 4.19 18.01 15.09
N VAL B 253 4.72 18.73 14.07
CA VAL B 253 5.88 19.70 14.16
C VAL B 253 5.55 21.11 13.53
N HIS B 254 6.27 22.21 13.84
CA HIS B 254 7.14 22.56 15.03
C HIS B 254 6.31 23.26 16.12
N1 FMN C . 6.30 12.20 -8.17
C2 FMN C . 7.15 13.24 -8.02
O2 FMN C . 6.79 14.33 -8.49
N3 FMN C . 8.32 13.10 -7.40
C4 FMN C . 8.79 11.92 -6.89
O4 FMN C . 9.77 11.65 -6.13
C4A FMN C . 7.92 10.87 -7.01
N5 FMN C . 8.41 9.68 -6.48
C5A FMN C . 7.59 8.60 -6.49
C6 FMN C . 7.99 7.44 -5.90
C7 FMN C . 7.16 6.28 -5.89
C7M FMN C . 7.34 5.13 -4.89
C8 FMN C . 5.88 6.34 -6.47
C8M FMN C . 4.86 5.34 -5.95
C9 FMN C . 5.47 7.57 -7.06
C9A FMN C . 6.31 8.68 -7.09
N10 FMN C . 5.85 9.88 -7.67
C10 FMN C . 6.68 10.99 -7.63
C1' FMN C . 4.47 9.81 -8.42
C2' FMN C . 4.58 9.11 -9.78
O2' FMN C . 5.46 9.84 -10.60
C3' FMN C . 3.20 9.02 -10.35
O3' FMN C . 2.45 8.13 -9.55
C4' FMN C . 3.13 8.46 -11.76
O4' FMN C . 3.70 9.41 -12.63
C5' FMN C . 1.71 8.03 -12.21
O5' FMN C . 0.84 9.11 -11.95
P FMN C . -0.51 8.97 -11.11
O1P FMN C . -1.34 10.22 -11.36
O2P FMN C . -0.16 8.88 -9.62
O3P FMN C . -1.30 7.75 -11.52
N IYR D . 12.24 12.83 -6.80
CA IYR D . 12.34 13.75 -7.96
CB IYR D . 12.29 12.95 -9.24
CC IYR D . 11.09 12.05 -9.51
CD IYR D . 11.27 10.66 -9.34
CE IYR D . 10.23 9.74 -9.60
IE IYR D . 10.55 7.67 -9.38
CF IYR D . 8.95 10.25 -10.13
OF IYR D . 7.95 9.35 -10.40
CG IYR D . 8.81 11.65 -10.31
CH IYR D . 9.86 12.55 -9.99
C IYR D . 11.24 14.79 -8.04
O IYR D . 10.40 14.93 -7.14
OXT IYR D . 11.16 15.52 -9.05
C1 GOL E . 13.79 -10.32 5.13
O1 GOL E . 13.32 -11.61 4.73
C2 GOL E . 13.30 -10.12 6.54
O2 GOL E . 12.26 -11.02 6.76
C3 GOL E . 12.63 -8.79 6.69
O3 GOL E . 11.78 -9.03 7.79
C1 GOL F . -25.19 -3.98 5.29
O1 GOL F . -24.66 -2.73 4.94
C2 GOL F . -25.56 -4.79 4.05
O2 GOL F . -25.93 -6.11 4.39
C3 GOL F . -26.64 -4.13 3.21
O3 GOL F . -27.00 -5.02 2.16
N1 FMN G . 0.38 -13.09 8.15
C2 FMN G . 0.63 -14.49 8.03
O2 FMN G . -0.16 -15.37 8.49
N3 FMN G . 1.78 -14.93 7.36
C4 FMN G . 2.63 -13.96 6.85
O4 FMN G . 3.51 -14.53 6.13
C4A FMN G . 2.41 -12.54 6.96
N5 FMN G . 3.25 -11.58 6.46
C5A FMN G . 2.93 -10.23 6.53
C6 FMN G . 3.85 -9.37 5.91
C7 FMN G . 3.60 -8.05 5.92
C7M FMN G . 4.34 -7.31 4.82
C8 FMN G . 2.44 -7.59 6.52
C8M FMN G . 1.83 -6.35 5.91
C9 FMN G . 1.54 -8.42 7.15
C9A FMN G . 1.75 -9.80 7.18
N10 FMN G . 0.85 -10.77 7.77
C10 FMN G . 1.22 -12.12 7.63
C1' FMN G . -0.34 -10.56 8.85
C2' FMN G . 0.22 -10.15 10.22
O2' FMN G . 0.75 -11.25 10.87
C3' FMN G . -0.43 -9.26 11.31
O3' FMN G . -0.80 -9.67 12.67
C4' FMN G . -1.62 -8.60 10.79
O4' FMN G . -1.20 -8.02 9.57
C5' FMN G . -1.93 -7.74 12.06
O5' FMN G . -3.23 -8.14 12.34
P FMN G . -4.38 -7.55 11.37
O1P FMN G . -4.48 -6.10 11.78
O2P FMN G . -5.68 -8.28 11.55
O3P FMN G . -4.02 -7.60 9.90
N IYR H . 5.25 -16.61 6.69
CA IYR H . 4.96 -17.47 7.84
CB IYR H . 5.30 -16.75 9.13
CC IYR H . 4.64 -15.38 9.45
CD IYR H . 5.41 -14.23 9.31
CE IYR H . 4.89 -12.97 9.64
IE IYR H . 6.11 -11.29 9.46
CF IYR H . 3.55 -12.86 10.20
OF IYR H . 3.07 -11.65 10.53
CG IYR H . 2.79 -14.03 10.34
CH IYR H . 3.35 -15.28 9.98
C IYR H . 3.56 -17.93 7.94
O IYR H . 2.70 -17.66 7.08
OXT IYR H . 3.22 -18.58 8.94
C1 GOL I . 16.93 4.92 -6.03
O1 GOL I . 17.51 4.84 -4.74
C2 GOL I . 15.84 3.86 -6.20
O2 GOL I . 16.44 2.63 -6.01
C3 GOL I . 15.35 3.86 -7.63
O3 GOL I . 14.58 2.71 -7.86
#